data_4ER8
#
_entry.id   4ER8
#
_cell.length_a   100.830
_cell.length_b   60.300
_cell.length_c   70.780
_cell.angle_alpha   90.00
_cell.angle_beta   90.00
_cell.angle_gamma   90.00
#
_symmetry.space_group_name_H-M   'P 21 21 2'
#
loop_
_entity.id
_entity.type
_entity.pdbx_description
1 polymer 'TnpArep for protein'
2 polymer 'DNA (32-MER)'
3 non-polymer 'NICKEL (II) ION'
4 water water
#
loop_
_entity_poly.entity_id
_entity_poly.type
_entity_poly.pdbx_seq_one_letter_code
_entity_poly.pdbx_strand_id
1 'polypeptide(L)'
;MSEYRRYYIKGGTWFFTVNLRNRRSQLLTTQYQMLRHAIIKVKRDRPFEINAWVVLPEHMHCIWTLPEGDDDFSSRWREI
KKQFTHACGLKNIWQPRFWEHAIRNTKDYRHHVDYIYINPVKHGWVKQVSDWPFSTFHRDVARGLYPIDWAGDVTDFSAG
ERIIS
;
A
2 'polydeoxyribonucleotide'
;(DG)(DT)(DA)(DG)(DG)(DA)(DC)(DG)(DG)(DA)(DT)(DA)(DA)(DG)(DG)(DC)(DG)(DT)(DT)(DT)
(DA)(DC)(DG)(DC)(DC)(DG)(DC)(DA)(DT)(DC)(DC)(DG)
;
B
#
# COMPACT_ATOMS: atom_id res chain seq x y z
N MET A 1 6.66 23.24 -2.72
CA MET A 1 7.80 22.33 -3.07
C MET A 1 8.20 21.33 -1.91
N SER A 2 8.51 20.04 -2.24
CA SER A 2 8.85 19.00 -1.21
C SER A 2 10.33 18.98 -0.82
N GLU A 3 10.68 18.28 0.26
CA GLU A 3 12.05 18.37 0.80
C GLU A 3 12.54 17.02 1.26
N TYR A 4 11.70 16.00 1.19
CA TYR A 4 12.15 14.72 1.72
C TYR A 4 13.24 14.11 0.84
N ARG A 5 14.02 13.21 1.45
CA ARG A 5 15.02 12.47 0.74
C ARG A 5 14.73 10.98 0.87
N ARG A 6 14.68 10.26 -0.25
CA ARG A 6 14.36 8.85 -0.20
C ARG A 6 15.36 8.15 0.71
N TYR A 7 14.88 7.26 1.56
CA TYR A 7 15.77 6.60 2.45
C TYR A 7 16.10 5.25 1.79
N TYR A 8 17.27 5.18 1.18
CA TYR A 8 17.65 3.97 0.41
C TYR A 8 18.56 3.08 1.23
N ILE A 9 18.15 1.83 1.37
CA ILE A 9 18.99 0.88 2.08
C ILE A 9 18.77 -0.46 1.46
N LYS A 10 19.85 -1.12 1.09
CA LYS A 10 19.71 -2.41 0.39
C LYS A 10 19.13 -3.46 1.32
N GLY A 11 18.21 -4.27 0.79
CA GLY A 11 17.48 -5.31 1.53
C GLY A 11 16.35 -4.79 2.42
N GLY A 12 16.14 -3.47 2.39
CA GLY A 12 15.28 -2.79 3.33
C GLY A 12 13.81 -3.09 3.25
N THR A 13 13.10 -2.68 4.30
CA THR A 13 11.68 -2.85 4.37
C THR A 13 11.10 -1.46 4.50
N TRP A 14 9.99 -1.18 3.83
CA TRP A 14 9.38 0.14 3.90
C TRP A 14 7.86 0.06 3.83
N PHE A 15 7.26 1.18 4.24
CA PHE A 15 5.82 1.40 4.23
C PHE A 15 5.57 2.52 3.24
N PHE A 16 4.51 2.41 2.44
CA PHE A 16 4.24 3.38 1.38
C PHE A 16 2.76 3.71 1.34
N THR A 17 2.42 4.87 0.80
CA THR A 17 1.05 5.34 0.71
C THR A 17 1.03 5.96 -0.67
N VAL A 18 0.14 5.45 -1.53
CA VAL A 18 -0.02 5.99 -2.87
C VAL A 18 -1.51 6.40 -3.01
N ASN A 19 -1.71 7.66 -3.37
CA ASN A 19 -3.03 8.19 -3.47
C ASN A 19 -3.40 8.49 -4.89
N LEU A 20 -4.67 8.23 -5.18
CA LEU A 20 -5.28 8.70 -6.40
C LEU A 20 -5.51 10.18 -6.15
N ARG A 21 -5.31 10.97 -7.22
CA ARG A 21 -5.52 12.42 -7.23
C ARG A 21 -6.94 12.85 -6.81
N ASN A 22 -7.95 12.09 -7.26
CA ASN A 22 -9.39 12.39 -7.08
C ASN A 22 -10.06 11.68 -5.88
N ARG A 23 -10.46 12.48 -4.88
CA ARG A 23 -11.04 12.00 -3.63
C ARG A 23 -12.25 11.11 -3.83
N ARG A 24 -13.12 11.43 -4.80
CA ARG A 24 -14.37 10.67 -5.01
C ARG A 24 -14.19 9.48 -5.95
N SER A 25 -12.96 9.21 -6.40
CA SER A 25 -12.70 8.07 -7.28
C SER A 25 -12.94 6.74 -6.59
N GLN A 26 -13.26 5.70 -7.36
CA GLN A 26 -13.39 4.32 -6.84
C GLN A 26 -12.73 3.38 -7.78
N LEU A 27 -11.90 3.99 -8.62
CA LEU A 27 -11.14 3.31 -9.60
C LEU A 27 -10.25 2.17 -9.07
N LEU A 28 -9.63 2.29 -7.90
CA LEU A 28 -8.68 1.24 -7.48
C LEU A 28 -9.47 -0.01 -7.08
N THR A 29 -10.73 0.23 -6.80
CA THR A 29 -11.61 -0.80 -6.37
C THR A 29 -12.30 -1.43 -7.59
N THR A 30 -13.05 -0.60 -8.32
CA THR A 30 -13.73 -0.99 -9.55
C THR A 30 -12.76 -1.78 -10.45
N GLN A 31 -11.59 -1.23 -10.71
CA GLN A 31 -10.60 -1.91 -11.52
C GLN A 31 -9.59 -2.66 -10.68
N TYR A 32 -10.06 -3.22 -9.58
CA TYR A 32 -9.18 -4.03 -8.77
C TYR A 32 -8.26 -4.95 -9.58
N GLN A 33 -8.83 -5.54 -10.63
CA GLN A 33 -8.18 -6.53 -11.46
C GLN A 33 -6.99 -6.00 -12.21
N MET A 34 -7.17 -4.90 -12.94
CA MET A 34 -6.04 -4.25 -13.62
C MET A 34 -4.94 -3.96 -12.60
N LEU A 35 -5.34 -3.46 -11.43
CA LEU A 35 -4.35 -3.15 -10.39
C LEU A 35 -3.60 -4.40 -10.03
N ARG A 36 -4.34 -5.39 -9.53
CA ARG A 36 -3.75 -6.68 -9.21
C ARG A 36 -2.80 -7.08 -10.33
N HIS A 37 -3.29 -7.01 -11.57
CA HIS A 37 -2.52 -7.43 -12.73
C HIS A 37 -1.20 -6.68 -12.85
N ALA A 38 -1.27 -5.36 -12.72
CA ALA A 38 -0.10 -4.46 -12.79
C ALA A 38 1.01 -4.78 -11.80
N ILE A 39 0.63 -4.99 -10.54
CA ILE A 39 1.61 -5.29 -9.49
C ILE A 39 2.29 -6.61 -9.81
N ILE A 40 1.49 -7.58 -10.27
CA ILE A 40 1.99 -8.86 -10.76
C ILE A 40 3.08 -8.72 -11.84
N LYS A 41 2.77 -7.96 -12.90
CA LYS A 41 3.70 -7.75 -14.01
C LYS A 41 5.04 -7.22 -13.53
N VAL A 42 4.98 -6.25 -12.61
CA VAL A 42 6.18 -5.55 -12.10
C VAL A 42 6.96 -6.43 -11.12
N LYS A 43 6.20 -7.15 -10.28
CA LYS A 43 6.79 -8.00 -9.25
C LYS A 43 7.67 -9.04 -9.91
N ARG A 44 7.14 -9.64 -10.97
CA ARG A 44 7.89 -10.61 -11.81
C ARG A 44 9.25 -10.04 -12.29
N ASP A 45 9.23 -8.83 -12.86
CA ASP A 45 10.43 -8.23 -13.47
C ASP A 45 11.44 -7.70 -12.45
N ARG A 46 10.94 -7.29 -11.29
CA ARG A 46 11.80 -6.73 -10.24
C ARG A 46 11.31 -7.30 -8.95
N PRO A 47 11.77 -8.51 -8.59
CA PRO A 47 11.20 -9.22 -7.42
C PRO A 47 11.15 -8.38 -6.12
N PHE A 48 10.07 -8.53 -5.38
CA PHE A 48 10.03 -8.04 -3.98
C PHE A 48 9.04 -8.87 -3.17
N GLU A 49 9.09 -8.71 -1.85
CA GLU A 49 8.11 -9.36 -0.98
C GLU A 49 7.06 -8.35 -0.49
N ILE A 50 5.79 -8.65 -0.77
CA ILE A 50 4.67 -7.93 -0.23
C ILE A 50 4.42 -8.38 1.20
N ASN A 51 4.95 -7.64 2.17
CA ASN A 51 4.68 -7.88 3.58
C ASN A 51 3.19 -7.65 3.87
N ALA A 52 2.67 -6.52 3.39
CA ALA A 52 1.25 -6.27 3.47
C ALA A 52 0.75 -5.22 2.49
N TRP A 53 -0.54 -5.23 2.20
CA TRP A 53 -1.08 -4.24 1.29
C TRP A 53 -2.60 -4.09 1.52
N VAL A 54 -3.11 -2.86 1.57
CA VAL A 54 -4.53 -2.60 1.33
C VAL A 54 -4.73 -1.77 0.09
N VAL A 55 -5.86 -1.99 -0.57
CA VAL A 55 -6.31 -1.09 -1.60
C VAL A 55 -7.63 -0.47 -1.15
N LEU A 56 -7.70 0.84 -1.23
CA LEU A 56 -8.95 1.47 -0.93
C LEU A 56 -9.48 1.93 -2.27
N PRO A 57 -10.72 2.47 -2.31
CA PRO A 57 -11.20 2.85 -3.63
C PRO A 57 -10.31 3.89 -4.25
N GLU A 58 -9.75 4.79 -3.43
CA GLU A 58 -8.95 5.91 -3.98
C GLU A 58 -7.51 6.09 -3.48
N HIS A 59 -6.93 5.10 -2.80
CA HIS A 59 -5.53 5.16 -2.36
C HIS A 59 -5.17 3.81 -1.80
N MET A 60 -3.89 3.60 -1.52
CA MET A 60 -3.48 2.34 -0.98
C MET A 60 -2.29 2.59 -0.08
N HIS A 61 -2.08 1.68 0.86
CA HIS A 61 -0.93 1.66 1.73
C HIS A 61 -0.33 0.31 1.64
N CYS A 62 1.00 0.20 1.72
CA CYS A 62 1.58 -1.15 1.72
C CYS A 62 2.98 -1.24 2.33
N ILE A 63 3.44 -2.47 2.59
CA ILE A 63 4.81 -2.73 3.07
C ILE A 63 5.59 -3.71 2.18
N TRP A 64 6.78 -3.30 1.75
CA TRP A 64 7.64 -4.17 0.91
C TRP A 64 8.97 -4.47 1.54
N THR A 65 9.57 -5.56 1.13
CA THR A 65 10.93 -5.88 1.56
C THR A 65 11.63 -6.26 0.28
N LEU A 66 12.73 -5.61 0.01
CA LEU A 66 13.40 -5.82 -1.26
C LEU A 66 14.54 -6.84 -1.09
N PRO A 67 14.87 -7.55 -2.19
CA PRO A 67 15.94 -8.52 -2.29
C PRO A 67 17.23 -8.02 -1.69
N GLU A 68 18.15 -8.92 -1.38
CA GLU A 68 19.42 -8.52 -0.80
C GLU A 68 20.11 -7.69 -1.89
N GLY A 69 20.85 -6.68 -1.48
CA GLY A 69 21.56 -5.80 -2.43
C GLY A 69 20.74 -4.83 -3.25
N ASP A 70 19.42 -4.81 -3.05
CA ASP A 70 18.48 -4.05 -3.87
C ASP A 70 17.82 -2.94 -3.01
N ASP A 71 17.98 -1.68 -3.40
CA ASP A 71 17.37 -0.58 -2.68
C ASP A 71 16.29 0.17 -3.50
N ASP A 72 15.92 -0.37 -4.65
CA ASP A 72 15.24 0.44 -5.64
C ASP A 72 13.73 0.30 -5.67
N PHE A 73 13.06 0.79 -4.64
CA PHE A 73 11.58 0.87 -4.68
C PHE A 73 11.07 1.92 -5.68
N SER A 74 11.92 2.86 -6.06
CA SER A 74 11.51 3.94 -6.95
C SER A 74 11.03 3.40 -8.29
N SER A 75 11.92 2.68 -8.96
CA SER A 75 11.57 2.02 -10.21
C SER A 75 10.30 1.23 -10.06
N ARG A 76 10.27 0.40 -9.02
CA ARG A 76 9.15 -0.49 -8.84
C ARG A 76 7.85 0.29 -8.81
N TRP A 77 7.80 1.43 -8.11
CA TRP A 77 6.57 2.18 -8.02
C TRP A 77 6.33 2.85 -9.34
N ARG A 78 7.41 3.18 -10.04
CA ARG A 78 7.21 3.92 -11.27
C ARG A 78 6.54 3.01 -12.28
N GLU A 79 7.01 1.77 -12.34
CA GLU A 79 6.38 0.86 -13.26
C GLU A 79 4.95 0.57 -12.84
N ILE A 80 4.70 0.33 -11.54
CA ILE A 80 3.34 -0.04 -11.15
C ILE A 80 2.32 0.98 -11.57
N LYS A 81 2.52 2.24 -11.20
CA LYS A 81 1.55 3.30 -11.49
C LYS A 81 1.48 3.41 -12.98
N LYS A 82 2.59 3.11 -13.65
CA LYS A 82 2.59 3.19 -15.13
C LYS A 82 1.69 2.11 -15.76
N GLN A 83 1.95 0.84 -15.48
CA GLN A 83 1.08 -0.24 -16.00
C GLN A 83 -0.36 0.08 -15.77
N PHE A 84 -0.73 0.39 -14.54
CA PHE A 84 -2.11 0.62 -14.26
C PHE A 84 -2.67 1.84 -14.99
N THR A 85 -1.86 2.89 -15.13
CA THR A 85 -2.29 4.06 -15.90
C THR A 85 -2.58 3.64 -17.36
N HIS A 86 -1.66 2.83 -17.92
CA HIS A 86 -1.77 2.27 -19.27
C HIS A 86 -3.05 1.46 -19.41
N ALA A 87 -3.16 0.43 -18.57
CA ALA A 87 -4.27 -0.52 -18.62
C ALA A 87 -5.66 0.13 -18.64
N CYS A 88 -5.87 1.17 -17.84
CA CYS A 88 -7.21 1.77 -17.80
C CYS A 88 -7.28 3.00 -18.69
N GLY A 89 -6.18 3.28 -19.39
CA GLY A 89 -6.11 4.35 -20.38
C GLY A 89 -6.48 5.74 -19.90
N LEU A 90 -6.57 5.92 -18.59
CA LEU A 90 -6.87 7.25 -18.01
C LEU A 90 -5.59 8.04 -17.79
N LYS A 91 -5.66 9.36 -17.80
CA LYS A 91 -4.44 10.17 -17.74
C LYS A 91 -4.40 10.93 -16.45
N ASN A 92 -3.18 11.03 -15.86
CA ASN A 92 -2.96 11.88 -14.69
C ASN A 92 -3.84 11.54 -13.47
N ILE A 93 -3.98 10.26 -13.17
CA ILE A 93 -4.81 9.85 -12.04
C ILE A 93 -4.10 9.88 -10.67
N TRP A 94 -2.78 9.67 -10.66
CA TRP A 94 -1.99 9.52 -9.44
C TRP A 94 -1.64 10.79 -8.73
N GLN A 95 -1.74 10.84 -7.40
CA GLN A 95 -0.92 11.83 -6.70
C GLN A 95 0.57 11.56 -7.04
N PRO A 96 1.26 12.58 -7.52
CA PRO A 96 2.66 12.39 -7.89
C PRO A 96 3.46 11.77 -6.75
N ARG A 97 4.53 11.08 -7.13
CA ARG A 97 5.35 10.30 -6.24
C ARG A 97 4.48 9.55 -5.20
N PHE A 98 4.93 9.51 -3.94
CA PHE A 98 4.36 8.65 -2.91
C PHE A 98 5.08 8.84 -1.57
N TRP A 99 4.43 8.46 -0.48
CA TRP A 99 5.01 8.54 0.84
C TRP A 99 5.79 7.28 1.14
N GLU A 100 6.99 7.45 1.70
CA GLU A 100 7.90 6.33 2.01
C GLU A 100 8.40 6.43 3.43
N HIS A 101 8.36 5.32 4.14
CA HIS A 101 8.94 5.30 5.45
C HIS A 101 9.62 3.97 5.74
N ALA A 102 10.88 4.07 6.14
CA ALA A 102 11.73 2.92 6.39
C ALA A 102 11.42 2.30 7.75
N ILE A 103 11.12 0.99 7.75
CA ILE A 103 10.92 0.26 9.00
C ILE A 103 12.18 -0.42 9.53
N ARG A 104 12.66 0.08 10.66
CA ARG A 104 13.94 -0.33 11.23
C ARG A 104 13.85 -1.42 12.34
N ASN A 105 12.65 -1.71 12.86
CA ASN A 105 12.45 -2.68 13.98
C ASN A 105 11.09 -3.34 13.99
N THR A 106 10.99 -4.48 14.69
CA THR A 106 9.74 -5.26 14.72
C THR A 106 8.48 -4.54 15.20
N LYS A 107 8.59 -3.75 16.26
CA LYS A 107 7.42 -3.03 16.75
C LYS A 107 6.86 -2.17 15.66
N ASP A 108 7.69 -1.28 15.10
CA ASP A 108 7.24 -0.38 14.07
C ASP A 108 6.59 -1.12 12.92
N TYR A 109 7.12 -2.29 12.61
CA TYR A 109 6.61 -3.13 11.53
C TYR A 109 5.18 -3.52 11.78
N ARG A 110 4.97 -4.14 12.94
CA ARG A 110 3.61 -4.48 13.37
C ARG A 110 2.67 -3.27 13.45
N HIS A 111 3.10 -2.11 13.95
CA HIS A 111 2.18 -0.96 14.00
C HIS A 111 1.76 -0.65 12.58
N HIS A 112 2.71 -0.78 11.66
CA HIS A 112 2.37 -0.45 10.30
C HIS A 112 1.59 -1.56 9.63
N VAL A 113 1.79 -2.83 9.98
CA VAL A 113 0.94 -3.85 9.34
C VAL A 113 -0.52 -3.67 9.84
N ASP A 114 -0.69 -3.46 11.15
CA ASP A 114 -1.97 -3.27 11.77
C ASP A 114 -2.63 -2.08 11.08
N TYR A 115 -1.86 -0.98 10.99
CA TYR A 115 -2.35 0.23 10.41
C TYR A 115 -2.91 -0.08 9.04
N ILE A 116 -2.22 -0.96 8.31
CA ILE A 116 -2.70 -1.26 7.01
C ILE A 116 -4.06 -1.93 7.09
N TYR A 117 -4.17 -3.01 7.85
CA TYR A 117 -5.41 -3.80 7.91
C TYR A 117 -6.56 -3.05 8.59
N ILE A 118 -6.25 -2.14 9.52
CA ILE A 118 -7.27 -1.30 10.14
C ILE A 118 -7.79 -0.20 9.23
N ASN A 119 -7.02 0.10 8.21
CA ASN A 119 -7.31 1.30 7.46
C ASN A 119 -8.76 1.38 6.92
N PRO A 120 -9.24 0.28 6.31
CA PRO A 120 -10.59 0.37 5.73
C PRO A 120 -11.59 0.86 6.76
N VAL A 121 -11.26 0.63 8.03
CA VAL A 121 -12.17 0.97 9.13
C VAL A 121 -11.95 2.41 9.48
N LYS A 122 -10.71 2.81 9.68
CA LYS A 122 -10.41 4.26 9.85
C LYS A 122 -11.07 5.12 8.78
N HIS A 123 -11.18 4.63 7.55
CA HIS A 123 -11.66 5.48 6.50
C HIS A 123 -13.19 5.46 6.36
N GLY A 124 -13.82 4.60 7.17
CA GLY A 124 -15.29 4.56 7.27
C GLY A 124 -15.96 3.61 6.30
N TRP A 125 -15.16 2.87 5.54
CA TRP A 125 -15.72 1.90 4.61
C TRP A 125 -16.43 0.74 5.31
N VAL A 126 -15.84 0.23 6.39
CA VAL A 126 -16.37 -0.98 7.06
C VAL A 126 -16.28 -0.87 8.58
N LYS A 127 -17.05 -1.66 9.32
CA LYS A 127 -16.97 -1.57 10.78
C LYS A 127 -16.02 -2.64 11.34
N GLN A 128 -15.65 -3.60 10.48
CA GLN A 128 -14.84 -4.74 10.87
C GLN A 128 -13.79 -5.07 9.80
N VAL A 129 -12.53 -5.21 10.22
CA VAL A 129 -11.47 -5.32 9.23
C VAL A 129 -11.65 -6.51 8.33
N SER A 130 -12.35 -7.54 8.78
CA SER A 130 -12.51 -8.70 7.89
C SER A 130 -13.62 -8.47 6.84
N ASP A 131 -14.41 -7.42 7.01
CA ASP A 131 -15.40 -7.07 5.99
C ASP A 131 -14.77 -6.60 4.70
N TRP A 132 -13.54 -6.09 4.75
CA TRP A 132 -12.87 -5.58 3.54
C TRP A 132 -12.06 -6.64 2.81
N PRO A 133 -12.50 -6.98 1.58
CA PRO A 133 -11.84 -8.00 0.78
C PRO A 133 -10.60 -7.53 0.06
N PHE A 134 -10.42 -6.22 -0.02
CA PHE A 134 -9.37 -5.68 -0.88
C PHE A 134 -8.05 -5.51 -0.13
N SER A 135 -7.51 -6.60 0.39
CA SER A 135 -6.25 -6.51 1.11
C SER A 135 -5.61 -7.87 1.29
N THR A 136 -4.40 -7.90 1.85
CA THR A 136 -3.74 -9.14 2.17
C THR A 136 -4.13 -9.69 3.56
N PHE A 137 -5.14 -9.08 4.17
CA PHE A 137 -5.56 -9.51 5.50
C PHE A 137 -5.93 -10.99 5.50
N HIS A 138 -6.86 -11.34 4.62
CA HIS A 138 -7.23 -12.75 4.33
C HIS A 138 -6.05 -13.65 3.89
N ARG A 139 -5.16 -13.19 3.02
CA ARG A 139 -3.97 -13.99 2.80
C ARG A 139 -3.33 -14.30 4.16
N ASP A 140 -3.28 -13.32 5.06
CA ASP A 140 -2.53 -13.45 6.31
C ASP A 140 -3.25 -14.27 7.35
N VAL A 141 -4.58 -14.14 7.40
CA VAL A 141 -5.43 -15.02 8.21
C VAL A 141 -5.31 -16.48 7.77
N ALA A 142 -5.05 -16.69 6.48
CA ALA A 142 -4.93 -18.01 5.90
C ALA A 142 -3.58 -18.67 6.19
N ARG A 143 -2.56 -17.89 6.54
CA ARG A 143 -1.57 -18.51 7.43
C ARG A 143 -2.00 -18.19 8.86
N GLY A 144 -1.19 -18.49 9.85
CA GLY A 144 -1.67 -18.26 11.22
C GLY A 144 -1.20 -16.95 11.78
N LEU A 145 -1.37 -15.89 10.99
CA LEU A 145 -0.87 -14.57 11.33
C LEU A 145 -1.87 -13.77 12.12
N TYR A 146 -3.08 -13.65 11.58
CA TYR A 146 -4.16 -12.90 12.25
C TYR A 146 -5.45 -13.69 12.43
N PRO A 147 -6.10 -13.56 13.60
CA PRO A 147 -7.44 -14.13 13.71
C PRO A 147 -8.42 -13.35 12.79
N ILE A 148 -9.19 -14.09 12.01
CA ILE A 148 -10.17 -13.49 11.13
C ILE A 148 -10.96 -12.39 11.84
N ASP A 149 -11.21 -12.53 13.15
CA ASP A 149 -12.03 -11.54 13.89
C ASP A 149 -11.23 -10.41 14.52
N TRP A 150 -9.95 -10.34 14.17
CA TRP A 150 -9.08 -9.28 14.63
C TRP A 150 -9.69 -7.86 14.58
N ALA A 151 -9.39 -7.13 15.65
CA ALA A 151 -9.71 -5.73 15.70
C ALA A 151 -8.47 -5.06 16.28
N GLY A 152 -8.43 -3.71 16.21
CA GLY A 152 -7.31 -2.93 16.74
C GLY A 152 -7.63 -1.47 16.80
N ASP A 153 -6.92 -0.73 17.64
CA ASP A 153 -7.17 0.71 17.77
C ASP A 153 -6.95 1.42 16.43
N VAL A 154 -7.84 2.31 16.04
CA VAL A 154 -7.60 3.20 14.90
C VAL A 154 -6.67 4.35 15.33
N THR A 155 -5.42 4.37 14.85
CA THR A 155 -4.45 5.43 15.23
C THR A 155 -4.20 6.52 14.16
N ASP A 156 -3.52 7.59 14.56
CA ASP A 156 -3.26 8.72 13.67
C ASP A 156 -1.82 9.18 13.41
N PHE A 157 -0.78 8.38 13.67
CA PHE A 157 0.55 8.86 13.34
C PHE A 157 0.55 9.17 11.85
N SER A 158 1.29 10.20 11.45
CA SER A 158 1.32 10.65 10.07
C SER A 158 1.93 9.57 9.18
N ALA A 159 1.33 9.37 7.99
CA ALA A 159 1.41 8.12 7.26
C ALA A 159 1.14 8.32 5.76
N GLY A 160 1.26 9.55 5.29
CA GLY A 160 1.03 9.86 3.90
C GLY A 160 -0.41 10.05 3.47
N GLU A 161 -1.37 9.85 4.38
CA GLU A 161 -2.79 10.10 4.00
C GLU A 161 -3.04 11.51 3.42
N ARG A 162 -4.00 11.57 2.49
CA ARG A 162 -4.48 12.85 1.97
C ARG A 162 -5.03 13.72 3.09
N ILE A 163 -4.80 15.03 2.96
CA ILE A 163 -5.34 16.03 3.89
C ILE A 163 -6.86 15.89 4.00
N ILE A 164 -7.38 15.81 5.23
CA ILE A 164 -8.84 15.74 5.44
C ILE A 164 -9.39 17.16 5.48
N SER A 165 -10.04 17.55 4.39
CA SER A 165 -10.74 18.82 4.32
C SER A 165 -12.24 18.64 3.98
#